data_7A2H
#
_entry.id   7A2H
#
_cell.length_a   46.826
_cell.length_b   47.604
_cell.length_c   50.486
_cell.angle_alpha   67.146
_cell.angle_beta   89.520
_cell.angle_gamma   89.291
#
_symmetry.space_group_name_H-M   'P 1'
#
loop_
_entity.id
_entity.type
_entity.pdbx_description
1 polymer "Casein kinase II subunit alpha'"
2 non-polymer 5,6,7-tris(bromanyl)-1~{H}-imidazo[4,5-b]pyridine
3 non-polymer 1,2-ETHANEDIOL
4 water water
#
_entity_poly.entity_id   1
_entity_poly.type   'polypeptide(L)'
_entity_poly.pdbx_seq_one_letter_code
;MGSSHHHHHHSQDPMPGPAAGSRARVYAEVNSLRSREYWDYEAHVPSWGNQDDYQLVRKLGRGKYSEVFEAINITNNERV
VVKILKPVKKKKIKREVKILENLRGGTNIIKLIDTVKDPVSKTPALVFEYINNTDFKQLYQILTDFDIRFYMYELLKALD
YCHSKGIMHRDVKPHNVMIDHQQKKLRLIDWGLAEFYHPAQEYNVRVASRYFKGPELLVDYQMYDYSLDMWSLGCMLASM
IFRREPFFHGQDNYDQLVRIAKVLGTEELYGYLKKYHIDLDPHFNDILGQHSRKRWENFIHSENRHLVSPEALDLLDKLL
RYDHQQRLTAKEAMEHPYFYPVVKEQSQPSADNAVLSSGLTAAR
;
_entity_poly.pdbx_strand_id   A
#
loop_
_chem_comp.id
_chem_comp.type
_chem_comp.name
_chem_comp.formula
EDO non-polymer 1,2-ETHANEDIOL 'C2 H6 O2'
QX2 non-polymer 5,6,7-tris(bromanyl)-1~{H}-imidazo[4,5-b]pyridine 'C6 H2 Br3 N3'
#
# COMPACT_ATOMS: atom_id res chain seq x y z
N GLY A 21 15.34 15.75 -10.67
CA GLY A 21 14.48 14.86 -11.44
C GLY A 21 13.07 14.86 -10.88
N SER A 22 12.94 14.26 -9.71
CA SER A 22 11.70 14.24 -8.95
C SER A 22 12.05 14.08 -7.48
N ARG A 23 11.28 14.73 -6.61
CA ARG A 23 11.43 14.62 -5.16
C ARG A 23 10.04 14.57 -4.53
N ALA A 24 9.94 13.85 -3.41
CA ALA A 24 8.73 13.89 -2.59
C ALA A 24 8.47 15.31 -2.10
N ARG A 25 7.18 15.70 -2.04
CA ARG A 25 6.81 17.02 -1.51
C ARG A 25 6.84 17.06 0.00
N VAL A 26 6.86 15.90 0.66
CA VAL A 26 6.85 15.80 2.11
C VAL A 26 7.86 14.75 2.50
N TYR A 27 8.42 14.92 3.69
N TYR A 27 8.41 14.90 3.70
CA TYR A 27 9.22 13.89 4.33
CA TYR A 27 9.27 13.89 4.32
C TYR A 27 10.50 13.57 3.54
C TYR A 27 10.43 13.51 3.40
N ALA A 28 10.95 14.50 2.70
CA ALA A 28 12.06 14.20 1.80
C ALA A 28 13.38 14.09 2.56
N GLU A 29 13.52 14.75 3.72
CA GLU A 29 14.77 14.79 4.47
C GLU A 29 14.72 13.95 5.75
N VAL A 30 13.63 13.20 5.95
CA VAL A 30 13.42 12.47 7.21
C VAL A 30 14.64 11.64 7.54
N ASN A 31 15.07 10.85 6.60
CA ASN A 31 16.13 9.89 6.89
C ASN A 31 17.47 10.58 7.05
N SER A 32 17.75 11.59 6.23
CA SER A 32 19.07 12.22 6.32
C SER A 32 19.24 12.98 7.63
N LEU A 33 18.13 13.43 8.22
CA LEU A 33 18.19 14.16 9.48
C LEU A 33 18.26 13.25 10.69
N ARG A 34 18.09 11.94 10.49
N ARG A 34 18.12 11.94 10.51
CA ARG A 34 18.18 10.94 11.56
CA ARG A 34 18.22 11.00 11.61
C ARG A 34 19.60 10.37 11.63
C ARG A 34 19.56 10.29 11.59
N SER A 35 19.88 9.67 12.73
CA SER A 35 21.09 8.88 12.82
C SER A 35 21.17 7.87 11.68
N ARG A 36 22.39 7.64 11.20
CA ARG A 36 22.57 6.64 10.13
C ARG A 36 21.97 5.30 10.51
N GLU A 37 22.08 4.92 11.78
CA GLU A 37 21.57 3.62 12.17
C GLU A 37 20.07 3.47 11.95
N TYR A 38 19.34 4.58 11.88
CA TYR A 38 17.90 4.50 11.62
C TYR A 38 17.59 3.84 10.29
N TRP A 39 18.33 4.23 9.24
CA TRP A 39 18.03 3.79 7.88
C TRP A 39 19.02 2.78 7.31
N ASP A 40 20.18 2.58 7.95
CA ASP A 40 21.21 1.68 7.44
C ASP A 40 20.87 0.26 7.90
N TYR A 41 19.85 -0.30 7.27
CA TYR A 41 19.32 -1.59 7.73
C TYR A 41 20.34 -2.71 7.55
N GLU A 42 21.25 -2.59 6.60
CA GLU A 42 22.26 -3.64 6.43
C GLU A 42 23.13 -3.80 7.67
N ALA A 43 23.25 -2.76 8.48
CA ALA A 43 24.02 -2.79 9.71
C ALA A 43 23.20 -3.21 10.92
N HIS A 44 21.89 -3.43 10.75
CA HIS A 44 21.04 -3.79 11.88
C HIS A 44 21.28 -5.23 12.29
N VAL A 45 21.36 -5.46 13.59
CA VAL A 45 21.54 -6.79 14.16
C VAL A 45 20.31 -7.11 15.01
N PRO A 46 19.34 -7.83 14.47
CA PRO A 46 18.18 -8.20 15.28
C PRO A 46 18.57 -9.11 16.43
N SER A 47 17.75 -9.10 17.47
CA SER A 47 17.82 -10.08 18.54
C SER A 47 16.78 -11.16 18.26
N TRP A 48 17.24 -12.37 18.01
CA TRP A 48 16.37 -13.46 17.60
C TRP A 48 15.98 -14.30 18.81
N GLY A 49 14.70 -14.24 19.18
CA GLY A 49 14.14 -15.09 20.22
C GLY A 49 13.86 -16.49 19.73
N ASN A 50 13.21 -17.28 20.59
CA ASN A 50 13.07 -18.71 20.39
C ASN A 50 11.69 -19.03 19.84
N GLN A 51 11.63 -19.55 18.62
CA GLN A 51 10.35 -19.90 18.03
C GLN A 51 9.65 -21.04 18.77
N ASP A 52 10.38 -21.81 19.59
CA ASP A 52 9.78 -22.93 20.29
C ASP A 52 8.66 -22.50 21.25
N ASP A 53 8.56 -21.21 21.58
CA ASP A 53 7.46 -20.75 22.40
C ASP A 53 6.12 -20.73 21.65
N TYR A 54 6.12 -20.96 20.35
CA TYR A 54 4.92 -20.81 19.53
C TYR A 54 4.49 -22.15 18.97
N GLN A 55 3.19 -22.42 19.04
CA GLN A 55 2.55 -23.58 18.45
C GLN A 55 1.78 -23.13 17.22
N LEU A 56 2.14 -23.65 16.04
CA LEU A 56 1.40 -23.33 14.82
C LEU A 56 0.07 -24.07 14.81
N VAL A 57 -0.99 -23.34 14.46
CA VAL A 57 -2.36 -23.85 14.51
C VAL A 57 -2.95 -24.04 13.12
N ARG A 58 -2.75 -23.09 12.20
CA ARG A 58 -3.32 -23.22 10.88
C ARG A 58 -2.60 -22.29 9.92
N LYS A 59 -2.50 -22.73 8.68
CA LYS A 59 -1.94 -21.90 7.62
C LYS A 59 -2.94 -20.81 7.22
N LEU A 60 -2.45 -19.56 7.13
CA LEU A 60 -3.25 -18.43 6.70
C LEU A 60 -2.91 -17.93 5.29
N GLY A 61 -1.72 -18.24 4.78
CA GLY A 61 -1.35 -17.81 3.45
C GLY A 61 0.10 -18.16 3.16
N ARG A 62 0.47 -17.95 1.89
CA ARG A 62 1.84 -18.14 1.43
C ARG A 62 2.14 -17.11 0.35
N GLY A 63 3.38 -16.62 0.35
CA GLY A 63 3.90 -15.83 -0.74
C GLY A 63 5.17 -16.47 -1.27
N LYS A 64 5.87 -15.83 -2.19
CA LYS A 64 7.09 -16.46 -2.68
C LYS A 64 8.24 -16.34 -1.69
N TYR A 65 8.12 -15.50 -0.66
CA TYR A 65 9.20 -15.30 0.31
C TYR A 65 8.85 -15.76 1.71
N SER A 66 7.66 -16.32 1.94
CA SER A 66 7.23 -16.57 3.31
C SER A 66 5.97 -17.41 3.30
N GLU A 67 5.66 -17.94 4.49
CA GLU A 67 4.38 -18.57 4.74
C GLU A 67 3.91 -18.10 6.10
N VAL A 68 2.61 -17.94 6.24
CA VAL A 68 2.01 -17.29 7.39
C VAL A 68 1.06 -18.27 8.07
N PHE A 69 1.18 -18.35 9.39
CA PHE A 69 0.40 -19.26 10.21
C PHE A 69 -0.23 -18.51 11.38
N GLU A 70 -1.47 -18.85 11.70
CA GLU A 70 -2.00 -18.56 13.01
C GLU A 70 -1.28 -19.45 14.01
N ALA A 71 -0.99 -18.91 15.19
CA ALA A 71 -0.22 -19.63 16.20
C ALA A 71 -0.66 -19.18 17.59
N ILE A 72 -0.25 -19.96 18.58
CA ILE A 72 -0.46 -19.65 19.99
C ILE A 72 0.90 -19.61 20.69
N ASN A 73 1.15 -18.55 21.46
CA ASN A 73 2.30 -18.52 22.36
C ASN A 73 1.98 -19.40 23.55
N ILE A 74 2.68 -20.51 23.69
CA ILE A 74 2.35 -21.49 24.72
C ILE A 74 2.69 -20.99 26.13
N THR A 75 3.50 -19.94 26.25
CA THR A 75 3.86 -19.43 27.57
C THR A 75 2.80 -18.51 28.17
N ASN A 76 1.96 -17.88 27.35
CA ASN A 76 0.98 -16.92 27.85
C ASN A 76 -0.37 -17.03 27.16
N ASN A 77 -0.56 -18.02 26.28
CA ASN A 77 -1.82 -18.31 25.59
C ASN A 77 -2.21 -17.26 24.56
N GLU A 78 -1.32 -16.35 24.18
CA GLU A 78 -1.67 -15.31 23.23
C GLU A 78 -1.76 -15.89 21.81
N ARG A 79 -2.84 -15.56 21.10
CA ARG A 79 -2.96 -15.87 19.69
C ARG A 79 -2.21 -14.83 18.88
N VAL A 80 -1.41 -15.29 17.92
CA VAL A 80 -0.51 -14.46 17.13
C VAL A 80 -0.52 -14.98 15.70
N VAL A 81 0.21 -14.29 14.83
CA VAL A 81 0.50 -14.76 13.48
C VAL A 81 2.00 -14.84 13.32
N VAL A 82 2.48 -15.97 12.79
CA VAL A 82 3.90 -16.20 12.57
C VAL A 82 4.15 -16.25 11.06
N LYS A 83 5.04 -15.39 10.59
CA LYS A 83 5.45 -15.32 9.19
C LYS A 83 6.85 -15.91 9.11
N ILE A 84 6.93 -17.11 8.55
CA ILE A 84 8.20 -17.82 8.45
C ILE A 84 8.86 -17.42 7.13
N LEU A 85 10.08 -16.91 7.22
CA LEU A 85 10.75 -16.35 6.06
C LEU A 85 11.60 -17.43 5.37
N LYS A 86 11.39 -17.59 4.04
CA LYS A 86 12.06 -18.69 3.34
C LYS A 86 13.12 -18.21 2.34
N PRO A 87 12.88 -18.19 1.00
CA PRO A 87 13.99 -17.85 0.10
C PRO A 87 14.32 -16.36 0.15
N VAL A 88 14.66 -15.89 1.34
CA VAL A 88 14.72 -14.47 1.67
C VAL A 88 16.18 -14.10 1.82
N LYS A 89 16.63 -13.15 0.99
CA LYS A 89 17.93 -12.55 1.21
C LYS A 89 18.06 -12.14 2.67
N LYS A 90 19.25 -12.35 3.23
CA LYS A 90 19.49 -11.83 4.57
C LYS A 90 19.36 -10.32 4.59
N LYS A 91 19.70 -9.66 3.47
CA LYS A 91 19.57 -8.21 3.40
C LYS A 91 18.09 -7.80 3.41
N LYS A 92 17.25 -8.53 2.68
CA LYS A 92 15.83 -8.23 2.65
C LYS A 92 15.19 -8.50 4.01
N ILE A 93 15.69 -9.50 4.74
CA ILE A 93 15.18 -9.77 6.08
C ILE A 93 15.51 -8.61 7.01
N LYS A 94 16.77 -8.17 7.01
CA LYS A 94 17.15 -7.01 7.82
C LYS A 94 16.33 -5.78 7.48
N ARG A 95 16.05 -5.58 6.19
CA ARG A 95 15.26 -4.41 5.78
C ARG A 95 13.88 -4.44 6.40
N GLU A 96 13.19 -5.58 6.27
CA GLU A 96 11.84 -5.69 6.81
C GLU A 96 11.84 -5.54 8.34
N VAL A 97 12.79 -6.21 9.02
CA VAL A 97 12.86 -6.13 10.47
C VAL A 97 13.12 -4.70 10.93
N LYS A 98 14.11 -4.03 10.32
CA LYS A 98 14.43 -2.67 10.75
C LYS A 98 13.26 -1.72 10.50
N ILE A 99 12.59 -1.85 9.35
CA ILE A 99 11.43 -1.04 9.06
C ILE A 99 10.35 -1.26 10.11
N LEU A 100 10.05 -2.51 10.44
CA LEU A 100 9.03 -2.78 11.46
C LEU A 100 9.44 -2.21 12.83
N GLU A 101 10.71 -2.29 13.19
CA GLU A 101 11.17 -1.69 14.45
C GLU A 101 10.96 -0.18 14.41
N ASN A 102 11.30 0.46 13.30
CA ASN A 102 11.14 1.90 13.20
C ASN A 102 9.68 2.33 13.26
N LEU A 103 8.77 1.46 12.82
CA LEU A 103 7.33 1.76 12.80
C LEU A 103 6.62 1.38 14.09
N ARG A 104 7.36 0.93 15.12
CA ARG A 104 6.75 0.48 16.35
C ARG A 104 5.83 1.52 16.95
N GLY A 105 4.63 1.06 17.33
CA GLY A 105 3.61 1.92 17.85
C GLY A 105 2.87 2.78 16.85
N GLY A 106 3.20 2.69 15.56
CA GLY A 106 2.51 3.51 14.56
C GLY A 106 1.05 3.11 14.42
N THR A 107 0.20 4.11 14.22
CA THR A 107 -1.24 3.88 14.18
C THR A 107 -1.61 3.00 12.99
N ASN A 108 -2.28 1.89 13.27
CA ASN A 108 -2.82 0.98 12.27
C ASN A 108 -1.74 0.26 11.48
N ILE A 109 -0.52 0.27 11.94
CA ILE A 109 0.52 -0.59 11.38
C ILE A 109 0.57 -1.87 12.18
N ILE A 110 0.64 -3.01 11.49
CA ILE A 110 0.66 -4.29 12.20
C ILE A 110 1.77 -4.28 13.25
N LYS A 111 1.45 -4.75 14.45
CA LYS A 111 2.40 -4.78 15.54
C LYS A 111 3.31 -6.01 15.43
N LEU A 112 4.62 -5.77 15.34
CA LEU A 112 5.62 -6.82 15.43
C LEU A 112 5.86 -7.11 16.91
N ILE A 113 5.47 -8.31 17.34
CA ILE A 113 5.65 -8.75 18.71
C ILE A 113 7.08 -9.22 18.95
N ASP A 114 7.65 -10.00 18.03
CA ASP A 114 9.01 -10.47 18.21
C ASP A 114 9.57 -10.97 16.89
N THR A 115 10.89 -11.06 16.87
CA THR A 115 11.69 -11.67 15.81
C THR A 115 12.30 -12.94 16.40
N VAL A 116 12.01 -14.09 15.80
CA VAL A 116 12.39 -15.38 16.38
C VAL A 116 13.04 -16.26 15.32
N LYS A 117 13.74 -17.30 15.79
CA LYS A 117 14.31 -18.32 14.94
C LYS A 117 13.99 -19.70 15.48
N ASP A 118 13.82 -20.65 14.57
CA ASP A 118 13.96 -22.07 14.94
C ASP A 118 15.37 -22.21 15.51
N PRO A 119 15.52 -22.61 16.78
CA PRO A 119 16.85 -22.59 17.42
C PRO A 119 17.83 -23.60 16.86
N VAL A 120 17.37 -24.55 16.04
CA VAL A 120 18.25 -25.52 15.41
C VAL A 120 18.60 -25.11 13.98
N SER A 121 17.59 -24.90 13.13
CA SER A 121 17.84 -24.56 11.73
C SER A 121 18.25 -23.10 11.55
N LYS A 122 17.91 -22.24 12.50
CA LYS A 122 18.13 -20.81 12.44
C LYS A 122 17.26 -20.10 11.40
N THR A 123 16.23 -20.77 10.86
CA THR A 123 15.32 -20.10 9.94
C THR A 123 14.59 -18.99 10.70
N PRO A 124 14.57 -17.76 10.19
CA PRO A 124 13.94 -16.66 10.91
C PRO A 124 12.45 -16.55 10.62
N ALA A 125 11.75 -15.95 11.58
CA ALA A 125 10.31 -15.74 11.49
C ALA A 125 9.96 -14.46 12.25
N LEU A 126 8.86 -13.85 11.84
CA LEU A 126 8.32 -12.65 12.46
C LEU A 126 7.00 -13.00 13.12
N VAL A 127 6.82 -12.52 14.36
CA VAL A 127 5.60 -12.76 15.12
C VAL A 127 4.82 -11.46 15.21
N PHE A 128 3.58 -11.49 14.73
CA PHE A 128 2.70 -10.32 14.66
C PHE A 128 1.46 -10.53 15.54
N GLU A 129 0.86 -9.42 15.93
CA GLU A 129 -0.46 -9.48 16.54
C GLU A 129 -1.45 -10.11 15.58
N TYR A 130 -2.41 -10.84 16.16
CA TYR A 130 -3.47 -11.46 15.40
C TYR A 130 -4.58 -10.45 15.13
N ILE A 131 -5.15 -10.54 13.92
CA ILE A 131 -6.32 -9.79 13.50
C ILE A 131 -7.28 -10.78 12.88
N ASN A 132 -8.55 -10.70 13.25
CA ASN A 132 -9.58 -11.59 12.72
C ASN A 132 -10.17 -10.92 11.47
N ASN A 133 -9.56 -11.20 10.31
CA ASN A 133 -9.82 -10.47 9.06
C ASN A 133 -11.10 -10.95 8.38
N THR A 134 -11.88 -9.98 7.91
CA THR A 134 -13.06 -10.19 7.10
C THR A 134 -12.65 -10.23 5.63
N ASP A 135 -13.03 -11.31 4.94
CA ASP A 135 -12.69 -11.50 3.54
C ASP A 135 -13.05 -10.26 2.72
N PHE A 136 -12.04 -9.67 2.05
CA PHE A 136 -12.28 -8.39 1.41
C PHE A 136 -13.24 -8.49 0.23
N LYS A 137 -13.21 -9.59 -0.52
CA LYS A 137 -14.07 -9.67 -1.70
C LYS A 137 -15.53 -9.50 -1.33
N GLN A 138 -15.96 -10.16 -0.26
CA GLN A 138 -17.34 -10.02 0.18
C GLN A 138 -17.57 -8.68 0.84
N LEU A 139 -16.63 -8.26 1.69
CA LEU A 139 -16.79 -7.00 2.43
C LEU A 139 -17.00 -5.82 1.47
N TYR A 140 -16.19 -5.76 0.41
CA TYR A 140 -16.21 -4.55 -0.41
C TYR A 140 -17.49 -4.42 -1.23
N GLN A 141 -18.36 -5.42 -1.22
CA GLN A 141 -19.66 -5.30 -1.84
C GLN A 141 -20.77 -4.92 -0.85
N ILE A 142 -20.45 -4.79 0.45
CA ILE A 142 -21.47 -4.47 1.46
C ILE A 142 -21.11 -3.28 2.35
N LEU A 143 -20.00 -2.59 2.10
CA LEU A 143 -19.66 -1.43 2.90
C LEU A 143 -20.67 -0.31 2.69
N THR A 144 -20.97 0.42 3.78
CA THR A 144 -21.75 1.64 3.67
C THR A 144 -20.83 2.83 3.29
N ASP A 145 -21.46 3.95 2.94
CA ASP A 145 -20.71 5.17 2.66
C ASP A 145 -19.81 5.54 3.85
N PHE A 146 -20.38 5.53 5.05
CA PHE A 146 -19.57 5.86 6.22
C PHE A 146 -18.45 4.85 6.43
N ASP A 147 -18.72 3.55 6.24
CA ASP A 147 -17.66 2.53 6.40
C ASP A 147 -16.48 2.82 5.50
N ILE A 148 -16.74 3.16 4.23
CA ILE A 148 -15.64 3.44 3.30
C ILE A 148 -14.83 4.63 3.80
N ARG A 149 -15.50 5.70 4.17
CA ARG A 149 -14.78 6.86 4.70
C ARG A 149 -13.97 6.47 5.93
N PHE A 150 -14.57 5.68 6.83
CA PHE A 150 -13.90 5.29 8.06
C PHE A 150 -12.66 4.47 7.78
N TYR A 151 -12.78 3.40 6.98
CA TYR A 151 -11.63 2.53 6.75
C TYR A 151 -10.55 3.23 5.92
N MET A 152 -10.94 4.03 4.94
CA MET A 152 -9.93 4.78 4.21
C MET A 152 -9.18 5.75 5.11
N TYR A 153 -9.87 6.39 6.06
CA TYR A 153 -9.20 7.26 7.02
C TYR A 153 -8.23 6.47 7.91
N GLU A 154 -8.65 5.29 8.36
CA GLU A 154 -7.78 4.43 9.16
C GLU A 154 -6.53 4.02 8.37
N LEU A 155 -6.69 3.67 7.10
CA LEU A 155 -5.53 3.29 6.29
C LEU A 155 -4.62 4.49 6.05
N LEU A 156 -5.20 5.67 5.82
CA LEU A 156 -4.39 6.88 5.66
C LEU A 156 -3.57 7.17 6.91
N LYS A 157 -4.08 6.88 8.11
CA LYS A 157 -3.28 7.08 9.30
C LYS A 157 -2.00 6.26 9.24
N ALA A 158 -2.12 5.00 8.78
CA ALA A 158 -0.96 4.13 8.67
C ALA A 158 0.04 4.66 7.65
N LEU A 159 -0.46 5.10 6.49
CA LEU A 159 0.44 5.59 5.45
C LEU A 159 1.08 6.92 5.85
N ASP A 160 0.32 7.86 6.39
CA ASP A 160 0.97 9.07 6.86
C ASP A 160 2.02 8.76 7.91
N TYR A 161 1.76 7.78 8.79
CA TYR A 161 2.75 7.45 9.78
C TYR A 161 4.02 6.88 9.12
N CYS A 162 3.89 5.88 8.25
CA CYS A 162 5.11 5.30 7.68
C CYS A 162 5.84 6.30 6.80
N HIS A 163 5.12 7.09 6.00
CA HIS A 163 5.77 8.12 5.20
C HIS A 163 6.54 9.09 6.10
N SER A 164 5.94 9.49 7.24
CA SER A 164 6.58 10.41 8.17
C SER A 164 7.82 9.81 8.81
N LYS A 165 7.91 8.48 8.82
CA LYS A 165 9.06 7.72 9.29
C LYS A 165 10.01 7.38 8.14
N GLY A 166 9.83 8.00 7.00
CA GLY A 166 10.77 7.85 5.91
C GLY A 166 10.65 6.58 5.12
N ILE A 167 9.49 5.93 5.16
CA ILE A 167 9.30 4.59 4.59
C ILE A 167 8.12 4.57 3.62
N MET A 168 8.33 3.98 2.46
CA MET A 168 7.29 3.69 1.49
C MET A 168 6.91 2.22 1.60
N HIS A 169 5.60 1.92 1.62
CA HIS A 169 5.17 0.53 1.75
C HIS A 169 5.39 -0.27 0.47
N ARG A 170 4.94 0.28 -0.66
CA ARG A 170 5.15 -0.25 -2.00
C ARG A 170 4.37 -1.53 -2.31
N ASP A 171 3.39 -1.89 -1.49
CA ASP A 171 2.53 -3.04 -1.82
C ASP A 171 1.16 -2.87 -1.17
N VAL A 172 0.60 -1.66 -1.24
CA VAL A 172 -0.73 -1.41 -0.74
C VAL A 172 -1.75 -2.06 -1.68
N LYS A 173 -2.63 -2.88 -1.11
CA LYS A 173 -3.67 -3.61 -1.84
C LYS A 173 -4.60 -4.22 -0.80
N PRO A 174 -5.80 -4.63 -1.19
CA PRO A 174 -6.74 -5.21 -0.22
C PRO A 174 -6.17 -6.37 0.58
N HIS A 175 -5.40 -7.25 -0.05
CA HIS A 175 -4.84 -8.40 0.65
C HIS A 175 -3.85 -8.01 1.74
N ASN A 176 -3.31 -6.78 1.70
CA ASN A 176 -2.39 -6.30 2.74
C ASN A 176 -3.04 -5.31 3.69
N VAL A 177 -4.36 -5.19 3.66
CA VAL A 177 -5.10 -4.33 4.57
C VAL A 177 -6.08 -5.23 5.30
N MET A 178 -5.68 -5.66 6.49
CA MET A 178 -6.53 -6.51 7.29
C MET A 178 -7.60 -5.66 7.96
N ILE A 179 -8.85 -6.08 7.85
CA ILE A 179 -9.99 -5.38 8.43
C ILE A 179 -10.80 -6.38 9.23
N ASP A 180 -10.88 -6.17 10.53
CA ASP A 180 -11.84 -6.86 11.39
C ASP A 180 -13.08 -5.99 11.41
N HIS A 181 -14.08 -6.36 10.61
CA HIS A 181 -15.27 -5.55 10.47
C HIS A 181 -16.19 -5.63 11.68
N GLN A 182 -15.96 -6.59 12.60
CA GLN A 182 -16.74 -6.65 13.83
C GLN A 182 -16.23 -5.63 14.84
N GLN A 183 -14.92 -5.56 15.04
CA GLN A 183 -14.31 -4.62 15.99
C GLN A 183 -13.89 -3.31 15.35
N LYS A 184 -14.06 -3.17 14.03
CA LYS A 184 -13.65 -1.97 13.30
C LYS A 184 -12.16 -1.66 13.50
N LYS A 185 -11.34 -2.69 13.29
CA LYS A 185 -9.89 -2.61 13.44
C LYS A 185 -9.27 -2.84 12.08
N LEU A 186 -8.31 -1.99 11.72
CA LEU A 186 -7.62 -2.09 10.46
C LEU A 186 -6.12 -2.10 10.72
N ARG A 187 -5.41 -2.98 10.01
CA ARG A 187 -3.95 -3.02 10.08
C ARG A 187 -3.35 -3.19 8.68
N LEU A 188 -2.34 -2.38 8.40
CA LEU A 188 -1.54 -2.51 7.20
C LEU A 188 -0.40 -3.50 7.47
N ILE A 189 -0.40 -4.60 6.71
CA ILE A 189 0.53 -5.72 6.88
C ILE A 189 1.49 -5.82 5.70
N ASP A 190 2.39 -6.79 5.80
CA ASP A 190 3.35 -7.20 4.80
C ASP A 190 4.25 -6.09 4.31
N TRP A 191 5.22 -5.79 5.14
CA TRP A 191 6.24 -4.77 4.92
C TRP A 191 7.46 -5.33 4.21
N GLY A 192 7.33 -6.50 3.58
CA GLY A 192 8.47 -7.13 2.91
C GLY A 192 8.94 -6.44 1.65
N LEU A 193 8.11 -5.56 1.07
N LEU A 193 8.13 -5.58 1.04
CA LEU A 193 8.45 -4.76 -0.10
CA LEU A 193 8.57 -4.78 -0.09
C LEU A 193 8.70 -3.30 0.25
C LEU A 193 8.89 -3.34 0.27
N ALA A 194 8.70 -2.96 1.53
CA ALA A 194 8.86 -1.58 1.95
C ALA A 194 10.31 -1.15 1.84
N GLU A 195 10.53 0.16 1.66
CA GLU A 195 11.87 0.69 1.49
C GLU A 195 11.95 2.08 2.12
N PHE A 196 13.17 2.47 2.47
CA PHE A 196 13.44 3.83 2.91
C PHE A 196 13.52 4.77 1.72
N TYR A 197 12.89 5.94 1.85
CA TYR A 197 12.95 6.98 0.83
C TYR A 197 14.14 7.90 1.06
N HIS A 198 14.97 8.03 0.05
CA HIS A 198 16.12 8.94 0.02
C HIS A 198 15.99 9.76 -1.27
N PRO A 199 16.02 11.09 -1.20
CA PRO A 199 15.78 11.87 -2.41
C PRO A 199 16.81 11.57 -3.49
N ALA A 200 16.32 11.49 -4.72
CA ALA A 200 17.06 11.22 -5.95
C ALA A 200 17.42 9.76 -6.10
N GLN A 201 17.12 8.90 -5.13
CA GLN A 201 17.44 7.49 -5.28
C GLN A 201 16.55 6.86 -6.34
N GLU A 202 17.14 6.01 -7.16
CA GLU A 202 16.40 5.24 -8.15
C GLU A 202 16.07 3.86 -7.57
N TYR A 203 14.79 3.51 -7.62
CA TYR A 203 14.27 2.30 -7.02
C TYR A 203 13.82 1.32 -8.10
N ASN A 204 13.76 0.06 -7.70
CA ASN A 204 13.28 -1.00 -8.58
C ASN A 204 11.80 -0.82 -8.82
N VAL A 205 11.38 -0.85 -10.10
CA VAL A 205 9.96 -0.69 -10.40
C VAL A 205 9.17 -1.98 -10.26
N ARG A 206 9.84 -3.10 -9.97
CA ARG A 206 9.16 -4.39 -9.79
C ARG A 206 8.68 -4.51 -8.34
N VAL A 207 7.74 -3.64 -8.00
CA VAL A 207 7.10 -3.62 -6.70
C VAL A 207 5.60 -3.46 -6.93
N ALA A 208 4.85 -3.58 -5.83
CA ALA A 208 3.40 -3.57 -5.82
C ALA A 208 2.80 -4.70 -6.65
N SER A 209 1.48 -4.93 -6.47
N SER A 209 1.52 -4.88 -6.58
CA SER A 209 0.67 -5.85 -7.27
CA SER A 209 0.86 -5.94 -7.31
C SER A 209 0.21 -5.19 -8.55
C SER A 209 0.10 -5.30 -8.47
N ARG A 210 0.07 -5.99 -9.61
CA ARG A 210 -0.34 -5.44 -10.91
C ARG A 210 -1.43 -4.38 -10.83
N TYR A 211 -2.57 -4.71 -10.21
CA TYR A 211 -3.73 -3.82 -10.29
C TYR A 211 -3.54 -2.52 -9.53
N PHE A 212 -2.52 -2.48 -8.67
CA PHE A 212 -2.24 -1.36 -7.78
C PHE A 212 -0.95 -0.64 -8.12
N LYS A 213 -0.29 -1.03 -9.21
CA LYS A 213 0.93 -0.38 -9.64
C LYS A 213 0.62 1.00 -10.20
N GLY A 214 1.35 2.02 -9.74
CA GLY A 214 1.20 3.34 -10.29
C GLY A 214 1.76 3.42 -11.68
N PRO A 215 1.27 4.40 -12.46
CA PRO A 215 1.82 4.59 -13.82
C PRO A 215 3.32 4.76 -13.85
N GLU A 216 3.92 5.36 -12.83
CA GLU A 216 5.37 5.50 -12.79
C GLU A 216 6.06 4.14 -12.90
N LEU A 217 5.54 3.14 -12.22
CA LEU A 217 6.14 1.82 -12.30
C LEU A 217 5.98 1.23 -13.69
N LEU A 218 4.79 1.40 -14.26
CA LEU A 218 4.45 0.79 -15.53
C LEU A 218 5.22 1.39 -16.70
N VAL A 219 5.72 2.61 -16.55
CA VAL A 219 6.55 3.25 -17.56
C VAL A 219 8.03 3.25 -17.17
N ASP A 220 8.40 2.47 -16.17
CA ASP A 220 9.81 2.26 -15.81
C ASP A 220 10.49 3.53 -15.29
N TYR A 221 9.74 4.35 -14.56
CA TYR A 221 10.29 5.56 -13.93
C TYR A 221 10.72 5.21 -12.52
N GLN A 222 12.03 5.26 -12.27
CA GLN A 222 12.61 4.73 -11.04
C GLN A 222 12.69 5.73 -9.90
N MET A 223 12.58 7.03 -10.18
CA MET A 223 12.76 8.06 -9.15
C MET A 223 11.43 8.41 -8.46
N TYR A 224 10.77 7.38 -7.94
CA TYR A 224 9.45 7.50 -7.34
C TYR A 224 9.57 7.68 -5.82
N ASP A 225 8.43 7.85 -5.15
CA ASP A 225 8.45 8.19 -3.72
C ASP A 225 7.17 7.67 -3.06
N TYR A 226 6.90 8.19 -1.84
CA TYR A 226 5.70 7.81 -1.07
C TYR A 226 4.41 7.90 -1.86
N SER A 227 4.37 8.79 -2.85
CA SER A 227 3.18 8.99 -3.66
C SER A 227 2.76 7.73 -4.43
N LEU A 228 3.66 6.76 -4.61
CA LEU A 228 3.25 5.47 -5.17
C LEU A 228 2.15 4.85 -4.34
N ASP A 229 2.30 4.91 -3.02
CA ASP A 229 1.30 4.32 -2.13
C ASP A 229 -0.05 5.03 -2.23
N MET A 230 -0.03 6.32 -2.56
CA MET A 230 -1.27 7.08 -2.69
C MET A 230 -2.03 6.73 -3.98
N TRP A 231 -1.31 6.36 -5.06
CA TRP A 231 -1.97 5.76 -6.22
C TRP A 231 -2.68 4.48 -5.82
N SER A 232 -1.97 3.58 -5.12
CA SER A 232 -2.57 2.31 -4.74
C SER A 232 -3.80 2.53 -3.86
N LEU A 233 -3.70 3.45 -2.90
CA LEU A 233 -4.85 3.78 -2.06
C LEU A 233 -6.01 4.30 -2.93
N GLY A 234 -5.73 5.16 -3.90
CA GLY A 234 -6.78 5.62 -4.80
C GLY A 234 -7.45 4.49 -5.55
N CYS A 235 -6.69 3.49 -5.99
CA CYS A 235 -7.28 2.32 -6.63
C CYS A 235 -8.24 1.62 -5.69
N MET A 236 -7.86 1.48 -4.43
CA MET A 236 -8.75 0.85 -3.44
C MET A 236 -10.01 1.69 -3.24
N LEU A 237 -9.85 3.01 -3.11
CA LEU A 237 -11.02 3.88 -2.92
C LEU A 237 -11.98 3.74 -4.08
N ALA A 238 -11.46 3.76 -5.32
CA ALA A 238 -12.31 3.60 -6.49
C ALA A 238 -13.06 2.27 -6.45
N SER A 239 -12.38 1.19 -6.08
CA SER A 239 -13.05 -0.10 -6.03
C SER A 239 -14.17 -0.13 -4.99
N MET A 240 -13.99 0.58 -3.87
CA MET A 240 -14.99 0.60 -2.81
C MET A 240 -16.21 1.43 -3.21
N ILE A 241 -15.99 2.66 -3.69
CA ILE A 241 -17.15 3.51 -3.99
C ILE A 241 -17.87 3.07 -5.26
N PHE A 242 -17.16 2.45 -6.21
CA PHE A 242 -17.80 2.03 -7.46
C PHE A 242 -18.16 0.56 -7.49
N ARG A 243 -17.60 -0.26 -6.61
N ARG A 243 -17.57 -0.23 -6.60
CA ARG A 243 -17.90 -1.69 -6.57
CA ARG A 243 -17.76 -1.67 -6.44
C ARG A 243 -17.40 -2.41 -7.83
C ARG A 243 -17.18 -2.50 -7.59
N ARG A 244 -16.34 -1.90 -8.44
CA ARG A 244 -15.59 -2.64 -9.45
C ARG A 244 -14.23 -2.97 -8.84
N GLU A 245 -14.01 -4.25 -8.54
CA GLU A 245 -12.83 -4.67 -7.80
C GLU A 245 -12.16 -5.81 -8.56
N PRO A 246 -10.88 -5.67 -8.95
CA PRO A 246 -10.09 -4.43 -8.90
C PRO A 246 -10.65 -3.43 -9.88
N PHE A 247 -10.30 -2.16 -9.64
CA PHE A 247 -10.83 -1.08 -10.47
C PHE A 247 -10.19 -1.07 -11.85
N PHE A 248 -8.85 -1.19 -11.91
CA PHE A 248 -8.10 -1.23 -13.17
C PHE A 248 -7.58 -2.66 -13.32
N HIS A 249 -8.21 -3.46 -14.20
CA HIS A 249 -8.00 -4.91 -14.22
C HIS A 249 -7.15 -5.31 -15.43
N GLY A 250 -5.85 -4.99 -15.37
CA GLY A 250 -4.97 -5.35 -16.47
C GLY A 250 -4.71 -6.84 -16.55
N GLN A 251 -4.52 -7.32 -17.78
CA GLN A 251 -4.16 -8.72 -18.04
C GLN A 251 -2.67 -8.99 -17.83
N ASP A 252 -1.84 -7.95 -17.91
CA ASP A 252 -0.39 -8.00 -17.73
C ASP A 252 0.03 -6.55 -17.46
N ASN A 253 1.33 -6.31 -17.29
CA ASN A 253 1.77 -4.96 -16.93
C ASN A 253 1.54 -3.96 -18.06
N TYR A 254 1.67 -4.40 -19.32
CA TYR A 254 1.38 -3.52 -20.45
C TYR A 254 -0.09 -3.15 -20.47
N ASP A 255 -0.96 -4.15 -20.40
CA ASP A 255 -2.39 -3.89 -20.41
C ASP A 255 -2.82 -3.07 -19.20
N GLN A 256 -2.12 -3.19 -18.07
CA GLN A 256 -2.47 -2.38 -16.91
C GLN A 256 -2.42 -0.90 -17.25
N LEU A 257 -1.37 -0.45 -17.94
CA LEU A 257 -1.30 0.97 -18.30
C LEU A 257 -2.38 1.35 -19.30
N VAL A 258 -2.69 0.45 -20.24
CA VAL A 258 -3.78 0.70 -21.18
C VAL A 258 -5.10 0.91 -20.42
N ARG A 259 -5.37 0.07 -19.42
CA ARG A 259 -6.61 0.22 -18.65
C ARG A 259 -6.66 1.57 -17.93
N ILE A 260 -5.52 2.01 -17.40
CA ILE A 260 -5.46 3.33 -16.77
C ILE A 260 -5.71 4.41 -17.81
N ALA A 261 -5.07 4.31 -18.96
CA ALA A 261 -5.15 5.36 -19.97
C ALA A 261 -6.55 5.48 -20.55
N LYS A 262 -7.31 4.38 -20.57
CA LYS A 262 -8.69 4.44 -21.02
C LYS A 262 -9.55 5.30 -20.10
N VAL A 263 -9.10 5.56 -18.89
CA VAL A 263 -9.84 6.41 -17.95
C VAL A 263 -9.21 7.80 -17.85
N LEU A 264 -7.91 7.85 -17.61
N LEU A 264 -7.91 7.86 -17.62
CA LEU A 264 -7.24 9.13 -17.39
CA LEU A 264 -7.24 9.15 -17.40
C LEU A 264 -6.91 9.86 -18.69
C LEU A 264 -6.82 9.84 -18.68
N GLY A 265 -6.89 9.16 -19.83
CA GLY A 265 -6.62 9.79 -21.11
C GLY A 265 -5.21 9.58 -21.63
N THR A 266 -5.07 9.43 -22.95
CA THR A 266 -3.75 9.23 -23.55
C THR A 266 -2.97 10.54 -23.71
N GLU A 267 -3.60 11.62 -24.16
CA GLU A 267 -2.85 12.87 -24.24
C GLU A 267 -2.32 13.27 -22.88
N GLU A 268 -3.11 13.00 -21.84
CA GLU A 268 -2.69 13.31 -20.49
C GLU A 268 -1.50 12.45 -20.06
N LEU A 269 -1.48 11.17 -20.45
CA LEU A 269 -0.30 10.34 -20.23
C LEU A 269 0.94 10.96 -20.87
N TYR A 270 0.82 11.38 -22.13
CA TYR A 270 1.98 11.90 -22.83
C TYR A 270 2.51 13.17 -22.18
N GLY A 271 1.63 13.99 -21.61
CA GLY A 271 2.10 15.20 -20.93
C GLY A 271 2.89 14.86 -19.68
N TYR A 272 2.48 13.81 -18.96
CA TYR A 272 3.23 13.32 -17.81
C TYR A 272 4.60 12.82 -18.24
N LEU A 273 4.64 12.00 -19.29
CA LEU A 273 5.93 11.48 -19.75
C LEU A 273 6.85 12.63 -20.15
N LYS A 274 6.32 13.62 -20.84
CA LYS A 274 7.14 14.74 -21.27
C LYS A 274 7.71 15.50 -20.08
N LYS A 275 6.89 15.74 -19.06
CA LYS A 275 7.33 16.51 -17.90
C LYS A 275 8.55 15.88 -17.25
N TYR A 276 8.56 14.56 -17.15
CA TYR A 276 9.62 13.84 -16.44
C TYR A 276 10.63 13.21 -17.37
N HIS A 277 10.55 13.52 -18.66
CA HIS A 277 11.52 13.01 -19.64
C HIS A 277 11.56 11.49 -19.64
N ILE A 278 10.39 10.88 -19.63
CA ILE A 278 10.28 9.43 -19.50
C ILE A 278 10.21 8.82 -20.87
N ASP A 279 11.04 7.80 -21.10
CA ASP A 279 11.02 7.03 -22.33
C ASP A 279 9.98 5.92 -22.22
N LEU A 280 9.16 5.81 -23.26
CA LEU A 280 8.07 4.83 -23.30
C LEU A 280 8.47 3.62 -24.15
N ASP A 281 8.38 2.43 -23.55
CA ASP A 281 8.68 1.19 -24.25
C ASP A 281 7.84 1.13 -25.53
N PRO A 282 8.46 0.92 -26.69
CA PRO A 282 7.71 1.03 -27.94
C PRO A 282 6.64 -0.03 -28.12
N HIS A 283 6.65 -1.10 -27.32
CA HIS A 283 5.53 -2.02 -27.41
C HIS A 283 4.21 -1.33 -27.11
N PHE A 284 4.23 -0.24 -26.34
CA PHE A 284 2.99 0.45 -26.03
C PHE A 284 2.37 1.12 -27.24
N ASN A 285 3.15 1.43 -28.29
CA ASN A 285 2.61 2.15 -29.42
C ASN A 285 1.43 1.41 -30.06
N ASP A 286 1.46 0.08 -30.06
CA ASP A 286 0.47 -0.70 -30.77
C ASP A 286 -0.72 -1.10 -29.90
N ILE A 287 -0.76 -0.69 -28.63
CA ILE A 287 -1.83 -1.09 -27.73
C ILE A 287 -2.50 0.06 -27.01
N LEU A 288 -1.86 1.24 -26.87
CA LEU A 288 -2.47 2.32 -26.08
C LEU A 288 -3.69 2.92 -26.75
N GLY A 289 -3.72 2.99 -28.07
CA GLY A 289 -4.82 3.64 -28.75
C GLY A 289 -4.88 5.13 -28.44
N GLN A 290 -6.10 5.67 -28.58
CA GLN A 290 -6.36 7.08 -28.33
C GLN A 290 -7.62 7.15 -27.48
N HIS A 291 -7.51 7.78 -26.31
CA HIS A 291 -8.61 7.80 -25.35
C HIS A 291 -8.70 9.16 -24.70
N SER A 292 -9.92 9.70 -24.68
CA SER A 292 -10.19 10.92 -23.93
C SER A 292 -10.20 10.62 -22.43
N ARG A 293 -9.85 11.64 -21.64
CA ARG A 293 -10.05 11.55 -20.20
C ARG A 293 -11.54 11.44 -19.89
N LYS A 294 -11.90 10.50 -19.04
CA LYS A 294 -13.28 10.25 -18.69
C LYS A 294 -13.66 10.99 -17.41
N ARG A 295 -14.92 11.42 -17.35
CA ARG A 295 -15.47 11.92 -16.11
C ARG A 295 -15.70 10.78 -15.13
N TRP A 296 -15.34 11.01 -13.86
CA TRP A 296 -15.49 9.97 -12.83
C TRP A 296 -16.95 9.58 -12.63
N GLU A 297 -17.87 10.52 -12.89
CA GLU A 297 -19.29 10.22 -12.81
C GLU A 297 -19.71 9.09 -13.76
N ASN A 298 -18.91 8.81 -14.79
CA ASN A 298 -19.25 7.73 -15.73
C ASN A 298 -19.31 6.37 -15.06
N PHE A 299 -18.71 6.22 -13.88
CA PHE A 299 -18.67 4.94 -13.20
C PHE A 299 -19.84 4.72 -12.25
N ILE A 300 -20.68 5.72 -12.08
CA ILE A 300 -21.85 5.61 -11.19
C ILE A 300 -22.94 4.81 -11.87
N HIS A 301 -23.58 3.92 -11.11
CA HIS A 301 -24.75 3.17 -11.56
C HIS A 301 -25.69 2.98 -10.37
N SER A 302 -26.84 2.36 -10.62
CA SER A 302 -27.87 2.31 -9.59
C SER A 302 -27.40 1.59 -8.33
N GLU A 303 -26.48 0.63 -8.42
N GLU A 303 -26.50 0.62 -8.44
CA GLU A 303 -26.10 -0.14 -7.24
CA GLU A 303 -26.10 -0.14 -7.26
C GLU A 303 -24.77 0.29 -6.63
C GLU A 303 -24.99 0.53 -6.45
N ASN A 304 -24.21 1.44 -7.05
CA ASN A 304 -23.15 2.11 -6.30
C ASN A 304 -23.48 3.57 -5.97
N ARG A 305 -24.62 4.09 -6.43
N ARG A 305 -24.61 4.06 -6.47
CA ARG A 305 -24.82 5.54 -6.35
CA ARG A 305 -24.98 5.47 -6.36
C ARG A 305 -24.89 6.04 -4.92
C ARG A 305 -24.82 5.97 -4.93
N HIS A 306 -25.32 5.19 -3.97
CA HIS A 306 -25.36 5.61 -2.58
C HIS A 306 -23.98 5.74 -1.94
N LEU A 307 -22.92 5.30 -2.61
CA LEU A 307 -21.56 5.38 -2.09
C LEU A 307 -20.78 6.54 -2.68
N VAL A 308 -21.32 7.19 -3.69
CA VAL A 308 -20.61 8.20 -4.45
C VAL A 308 -21.22 9.55 -4.12
N SER A 309 -20.37 10.53 -3.84
CA SER A 309 -20.75 11.89 -3.52
C SER A 309 -19.80 12.81 -4.26
N PRO A 310 -20.12 14.09 -4.38
CA PRO A 310 -19.15 15.01 -4.97
C PRO A 310 -17.80 14.99 -4.26
N GLU A 311 -17.83 14.90 -2.93
N GLU A 311 -17.82 14.84 -2.94
CA GLU A 311 -16.58 14.85 -2.16
CA GLU A 311 -16.58 14.88 -2.19
C GLU A 311 -15.76 13.63 -2.55
C GLU A 311 -15.76 13.61 -2.40
N ALA A 312 -16.41 12.46 -2.60
CA ALA A 312 -15.67 11.24 -2.94
C ALA A 312 -15.00 11.39 -4.29
N LEU A 313 -15.71 11.94 -5.27
CA LEU A 313 -15.16 12.05 -6.61
C LEU A 313 -14.03 13.07 -6.66
N ASP A 314 -14.15 14.16 -5.92
CA ASP A 314 -13.07 15.14 -5.89
C ASP A 314 -11.82 14.55 -5.27
N LEU A 315 -11.96 13.82 -4.16
CA LEU A 315 -10.81 13.16 -3.56
C LEU A 315 -10.20 12.17 -4.53
N LEU A 316 -11.03 11.34 -5.16
CA LEU A 316 -10.50 10.30 -6.03
C LEU A 316 -9.74 10.94 -7.18
N ASP A 317 -10.27 12.02 -7.74
CA ASP A 317 -9.63 12.70 -8.85
C ASP A 317 -8.26 13.23 -8.49
N LYS A 318 -8.04 13.56 -7.23
CA LYS A 318 -6.78 14.10 -6.73
C LYS A 318 -5.79 13.03 -6.30
N LEU A 319 -6.20 11.76 -6.29
CA LEU A 319 -5.34 10.62 -6.00
C LEU A 319 -4.93 9.89 -7.28
N LEU A 320 -5.89 9.59 -8.15
CA LEU A 320 -5.63 8.85 -9.38
C LEU A 320 -5.27 9.86 -10.47
N ARG A 321 -4.04 10.37 -10.36
CA ARG A 321 -3.42 11.29 -11.29
C ARG A 321 -2.12 10.66 -11.78
N TYR A 322 -1.82 10.82 -13.07
CA TYR A 322 -0.53 10.34 -13.57
C TYR A 322 0.61 10.94 -12.77
N ASP A 323 0.58 12.25 -12.59
CA ASP A 323 1.72 12.98 -12.03
C ASP A 323 1.83 12.71 -10.55
N HIS A 324 2.75 11.81 -10.20
CA HIS A 324 2.91 11.36 -8.82
C HIS A 324 3.13 12.53 -7.88
N GLN A 325 3.84 13.57 -8.33
CA GLN A 325 4.16 14.70 -7.49
C GLN A 325 2.93 15.55 -7.20
N GLN A 326 1.89 15.47 -8.03
N GLN A 326 1.87 15.46 -7.99
CA GLN A 326 0.67 16.24 -7.84
CA GLN A 326 0.68 16.25 -7.79
C GLN A 326 -0.37 15.53 -6.99
C GLN A 326 -0.46 15.49 -7.12
N ARG A 327 -0.29 14.20 -6.85
CA ARG A 327 -1.23 13.46 -6.02
C ARG A 327 -1.22 14.03 -4.61
N LEU A 328 -2.37 13.95 -3.94
CA LEU A 328 -2.40 14.31 -2.52
C LEU A 328 -1.44 13.45 -1.73
N THR A 329 -0.80 14.06 -0.73
CA THR A 329 -0.12 13.32 0.31
C THR A 329 -1.15 12.61 1.18
N ALA A 330 -0.70 11.67 2.00
CA ALA A 330 -1.63 11.01 2.91
C ALA A 330 -2.29 12.02 3.84
N LYS A 331 -1.52 12.99 4.34
CA LYS A 331 -2.06 14.02 5.21
C LYS A 331 -3.07 14.91 4.48
N GLU A 332 -2.74 15.35 3.26
CA GLU A 332 -3.68 16.15 2.50
C GLU A 332 -4.97 15.39 2.26
N ALA A 333 -4.87 14.10 1.95
CA ALA A 333 -6.07 13.28 1.80
C ALA A 333 -6.89 13.25 3.10
N MET A 334 -6.23 13.03 4.23
CA MET A 334 -6.92 12.99 5.52
C MET A 334 -7.64 14.30 5.82
N GLU A 335 -7.12 15.40 5.31
N GLU A 335 -7.11 15.42 5.33
CA GLU A 335 -7.68 16.71 5.55
CA GLU A 335 -7.71 16.73 5.57
C GLU A 335 -8.79 17.08 4.56
C GLU A 335 -8.90 17.01 4.66
N HIS A 336 -9.12 16.18 3.64
CA HIS A 336 -10.14 16.44 2.64
C HIS A 336 -11.54 16.38 3.25
N PRO A 337 -12.48 17.22 2.77
CA PRO A 337 -13.85 17.16 3.29
C PRO A 337 -14.52 15.80 3.28
N TYR A 338 -14.13 14.90 2.38
CA TYR A 338 -14.73 13.56 2.38
C TYR A 338 -14.66 12.90 3.74
N PHE A 339 -13.62 13.17 4.52
CA PHE A 339 -13.45 12.56 5.83
C PHE A 339 -14.05 13.36 6.98
N TYR A 340 -14.65 14.52 6.72
CA TYR A 340 -15.22 15.29 7.82
C TYR A 340 -16.22 14.49 8.66
N PRO A 341 -17.13 13.70 8.08
CA PRO A 341 -18.03 12.91 8.92
C PRO A 341 -17.30 11.96 9.86
N VAL A 342 -16.15 11.46 9.44
CA VAL A 342 -15.39 10.53 10.28
C VAL A 342 -14.74 11.27 11.44
N VAL A 343 -14.12 12.41 11.13
CA VAL A 343 -13.49 13.23 12.17
C VAL A 343 -14.52 13.67 13.19
N LYS A 344 -15.68 14.15 12.71
CA LYS A 344 -16.73 14.62 13.60
C LYS A 344 -17.18 13.52 14.55
N GLU A 345 -17.32 12.29 14.05
CA GLU A 345 -17.64 11.14 14.89
C GLU A 345 -16.42 10.75 15.72
C10 QX2 B . -2.95 -11.91 9.17
C02 QX2 B . -3.11 -13.52 6.03
C04 QX2 B . -1.67 -12.44 7.23
C06 QX2 B . -0.69 -11.27 8.89
C08 QX2 B . -1.83 -11.28 9.65
C12 QX2 B . -2.86 -12.51 7.92
N01 QX2 B . -3.74 -13.18 7.15
N03 QX2 B . -1.86 -13.07 6.04
N05 QX2 B . -0.60 -11.82 7.71
BR3 QX2 B . 0.84 -10.42 9.64
BR2 QX2 B . -1.82 -10.44 11.37
BR1 QX2 B . -4.56 -11.94 10.22
H021 QX2 B . -3.49 -13.99 5.33
H011 QX2 B . -4.57 -13.37 7.35
C1 EDO C . 0.27 15.10 -15.84
O1 EDO C . 1.37 15.84 -16.37
C2 EDO C . -0.59 14.49 -16.94
O2 EDO C . -0.76 15.34 -18.08
H11 EDO C . -0.35 15.76 -15.23
H12 EDO C . 0.64 14.30 -15.19
HO1 EDO C . 1.95 16.13 -15.65
H21 EDO C . -0.14 13.54 -17.26
H22 EDO C . -1.58 14.24 -16.53
HO2 EDO C . -1.30 14.90 -18.75
C1 EDO D . 2.67 -11.26 6.83
O1 EDO D . 1.44 -11.44 6.14
C2 EDO D . 3.20 -9.86 6.65
O2 EDO D . 3.18 -9.07 7.82
H11 EDO D . 3.41 -11.98 6.45
H12 EDO D . 2.53 -11.47 7.89
HO1 EDO D . 1.15 -12.35 6.24
H21 EDO D . 2.60 -9.37 5.88
H22 EDO D . 4.23 -9.92 6.28
HO2 EDO D . 3.61 -8.23 7.65
C1 EDO E . -1.34 -10.71 2.29
O1 EDO E . -1.34 -10.78 0.87
C2 EDO E . -2.37 -11.67 2.89
O2 EDO E . -3.63 -11.57 2.23
H11 EDO E . -0.34 -10.97 2.66
H12 EDO E . -1.55 -9.69 2.62
HO1 EDO E . -0.63 -10.22 0.51
H21 EDO E . -2.50 -11.43 3.95
H22 EDO E . -2.00 -12.69 2.81
HO2 EDO E . -4.25 -12.19 2.64
#